data_4LHN
#
_entry.id   4LHN
#
_cell.length_a   46.700
_cell.length_b   63.590
_cell.length_c   106.540
_cell.angle_alpha   90.00
_cell.angle_beta   90.00
_cell.angle_gamma   90.00
#
_symmetry.space_group_name_H-M   'P 21 21 21'
#
loop_
_entity.id
_entity.type
_entity.pdbx_description
1 polymer 'Flocculation protein FLO1'
2 non-polymer alpha-D-mannopyranose
3 non-polymer 'CALCIUM ION'
4 water water
#
_entity_poly.entity_id   1
_entity_poly.type   'polypeptide(L)'
_entity_poly.pdbx_seq_one_letter_code
;SGATEACLPAGQRKSGMNINFYQYSLKDSSTYSNAAYMAYGYASKTKLGSVGGQTDISIDYNIPCVSSSGTFPCPQEDSY
GNWGCKGMGACSNSQGIAYWSTDLFGFYTTPTNVTLEMTGYFLPPQTGSYTFKFATVDDSAILSVGGATAFNCCAQQQPP
ITSTNFTIDGIKPWGGSLPPNIEGTVYMYAGYYYPMKVVYSNAVSWGTLPISVTLPDGTTVSDDFEGYVYSFDDDLSQSN
CTVPDPSNYLEVLFQGPHHHHHH
;
_entity_poly.pdbx_strand_id   A
#
loop_
_chem_comp.id
_chem_comp.type
_chem_comp.name
_chem_comp.formula
CA non-polymer 'CALCIUM ION' 'Ca 2'
MAN D-saccharide, alpha linking alpha-D-mannopyranose 'C6 H12 O6'
#
# COMPACT_ATOMS: atom_id res chain seq x y z
N ALA A 3 3.95 22.59 5.88
CA ALA A 3 3.67 22.28 4.45
C ALA A 3 4.29 20.94 4.06
N THR A 4 3.54 20.13 3.31
CA THR A 4 3.99 18.87 2.78
C THR A 4 4.75 19.26 1.52
N GLU A 5 5.91 18.69 1.40
CA GLU A 5 6.80 18.89 0.28
C GLU A 5 6.31 18.09 -0.92
N ALA A 6 6.29 18.71 -2.09
CA ALA A 6 5.78 18.14 -3.31
C ALA A 6 6.87 18.32 -4.35
N CYS A 7 6.58 17.88 -5.58
CA CYS A 7 7.55 17.68 -6.62
C CYS A 7 6.99 18.10 -7.96
N LEU A 8 7.89 18.39 -8.88
CA LEU A 8 7.51 18.67 -10.29
C LEU A 8 8.45 17.89 -11.20
N PRO A 9 8.26 16.57 -11.30
CA PRO A 9 9.21 15.80 -12.08
C PRO A 9 8.97 16.11 -13.55
N ALA A 10 10.04 16.21 -14.32
CA ALA A 10 9.92 16.69 -15.69
C ALA A 10 9.95 15.49 -16.63
N GLY A 11 10.27 14.29 -16.16
CA GLY A 11 10.25 13.12 -17.03
C GLY A 11 8.91 12.71 -17.67
N GLN A 12 8.98 11.60 -18.41
CA GLN A 12 7.85 10.84 -18.95
C GLN A 12 7.05 10.15 -17.82
N ARG A 13 5.82 10.55 -17.72
CA ARG A 13 4.95 10.13 -16.66
C ARG A 13 4.37 8.79 -17.02
N LYS A 14 4.25 7.89 -16.13
CA LYS A 14 3.62 6.61 -16.38
C LYS A 14 2.47 6.38 -15.42
N SER A 15 1.37 5.88 -15.92
CA SER A 15 0.21 5.71 -15.13
C SER A 15 0.42 4.59 -14.08
N GLY A 16 0.08 4.88 -12.82
CA GLY A 16 0.08 3.87 -11.78
C GLY A 16 1.31 3.90 -10.87
N MET A 17 1.26 2.98 -9.89
CA MET A 17 2.29 2.79 -8.90
C MET A 17 3.18 1.63 -9.21
N ASN A 18 4.41 1.73 -8.77
CA ASN A 18 5.33 0.62 -8.70
C ASN A 18 5.14 -0.15 -7.36
N ILE A 19 5.13 -1.49 -7.46
CA ILE A 19 4.97 -2.38 -6.32
C ILE A 19 6.21 -3.24 -6.28
N ASN A 20 6.94 -3.16 -5.19
CA ASN A 20 8.03 -4.11 -4.92
C ASN A 20 7.57 -5.08 -3.82
N PHE A 21 8.02 -6.33 -3.95
CA PHE A 21 7.69 -7.42 -3.05
C PHE A 21 8.94 -7.83 -2.29
N TYR A 22 8.80 -7.96 -0.97
CA TYR A 22 9.87 -8.40 -0.09
C TYR A 22 9.42 -9.58 0.78
N GLN A 23 10.39 -10.45 1.07
CA GLN A 23 10.22 -11.60 1.88
C GLN A 23 9.78 -11.24 3.28
N TYR A 24 8.81 -12.01 3.77
CA TYR A 24 8.30 -11.93 5.14
C TYR A 24 8.01 -13.36 5.60
N SER A 25 8.45 -13.72 6.82
CA SER A 25 8.31 -15.09 7.39
C SER A 25 6.92 -15.39 7.81
N LEU A 26 6.48 -16.54 7.36
CA LEU A 26 5.19 -17.07 7.68
C LEU A 26 5.09 -17.18 9.19
N LYS A 27 4.06 -16.52 9.75
CA LYS A 27 3.69 -16.57 11.14
C LYS A 27 4.65 -15.78 12.03
N ASP A 28 5.45 -14.90 11.45
CA ASP A 28 6.23 -13.99 12.25
C ASP A 28 5.27 -12.93 12.79
N SER A 29 4.92 -13.11 14.05
CA SER A 29 3.99 -12.20 14.68
C SER A 29 4.66 -11.01 15.37
N SER A 30 5.91 -10.64 15.03
CA SER A 30 6.65 -9.52 15.61
C SER A 30 7.00 -8.41 14.68
N THR A 31 7.68 -8.80 13.60
CA THR A 31 8.26 -7.85 12.64
C THR A 31 7.24 -6.86 12.05
N TYR A 32 6.07 -7.39 11.68
CA TYR A 32 5.01 -6.66 11.00
C TYR A 32 4.51 -5.45 11.83
N SER A 33 4.65 -5.49 13.15
CA SER A 33 4.14 -4.44 14.03
C SER A 33 5.20 -3.47 14.49
N ASN A 34 6.39 -3.61 13.97
CA ASN A 34 7.47 -2.72 14.30
C ASN A 34 7.56 -1.52 13.28
N ALA A 35 7.59 -0.30 13.75
CA ALA A 35 7.51 0.87 12.88
C ALA A 35 8.72 1.10 12.02
N ALA A 36 9.90 0.86 12.56
CA ALA A 36 11.12 0.93 11.76
C ALA A 36 11.09 -0.08 10.61
N TYR A 37 10.51 -1.26 10.86
CA TYR A 37 10.43 -2.27 9.84
C TYR A 37 9.50 -1.75 8.72
N MET A 38 8.34 -1.24 9.08
CA MET A 38 7.36 -0.75 8.11
C MET A 38 7.83 0.48 7.30
N ALA A 39 8.52 1.41 7.96
CA ALA A 39 9.09 2.56 7.26
C ALA A 39 10.26 2.30 6.29
N TYR A 40 11.26 1.52 6.71
CA TYR A 40 12.44 1.26 5.87
C TYR A 40 13.07 -0.15 6.02
N GLY A 41 12.86 -0.79 7.17
CA GLY A 41 13.52 -2.05 7.47
C GLY A 41 13.20 -3.14 6.47
N TYR A 42 12.03 -3.08 5.86
CA TYR A 42 11.58 -4.12 4.92
C TYR A 42 12.55 -4.26 3.79
N ALA A 43 13.23 -3.18 3.40
CA ALA A 43 14.11 -3.23 2.23
C ALA A 43 15.39 -3.97 2.50
N SER A 44 15.66 -4.26 3.77
CA SER A 44 16.76 -5.15 4.11
C SER A 44 16.54 -6.60 3.67
N LYS A 45 15.27 -7.03 3.77
CA LYS A 45 14.80 -8.36 3.38
C LYS A 45 14.94 -8.59 1.89
N THR A 46 15.13 -9.84 1.50
CA THR A 46 15.27 -10.19 0.12
C THR A 46 14.13 -9.64 -0.72
N LYS A 47 14.49 -9.03 -1.84
CA LYS A 47 13.54 -8.52 -2.77
C LYS A 47 13.04 -9.63 -3.66
N LEU A 48 11.75 -9.89 -3.71
CA LEU A 48 11.28 -11.01 -4.51
C LEU A 48 11.02 -10.60 -5.93
N GLY A 49 10.53 -9.40 -6.14
CA GLY A 49 10.25 -8.96 -7.49
C GLY A 49 9.55 -7.62 -7.49
N SER A 50 9.14 -7.16 -8.67
CA SER A 50 8.32 -5.98 -8.78
C SER A 50 7.47 -5.97 -9.99
N VAL A 51 6.43 -5.16 -9.92
CA VAL A 51 5.43 -5.02 -10.98
C VAL A 51 5.15 -3.52 -11.07
N GLY A 52 5.02 -2.96 -12.26
CA GLY A 52 4.74 -1.53 -12.37
C GLY A 52 3.39 -1.23 -12.94
N GLY A 53 3.05 0.06 -13.00
CA GLY A 53 1.81 0.50 -13.59
C GLY A 53 0.51 0.11 -12.92
N GLN A 54 0.47 -0.11 -11.60
CA GLN A 54 -0.77 -0.54 -10.97
C GLN A 54 -1.58 0.64 -10.44
N THR A 55 -2.86 0.67 -10.80
CA THR A 55 -3.74 1.71 -10.33
C THR A 55 -4.75 1.18 -9.30
N ASP A 56 -5.08 -0.09 -9.37
CA ASP A 56 -5.99 -0.67 -8.44
C ASP A 56 -5.17 -1.28 -7.29
N ILE A 57 -5.09 -0.56 -6.18
CA ILE A 57 -4.10 -0.84 -5.15
C ILE A 57 -4.69 -1.39 -3.83
N SER A 58 -6.01 -1.58 -3.78
CA SER A 58 -6.59 -2.20 -2.59
C SER A 58 -6.19 -3.66 -2.55
N ILE A 59 -5.96 -4.25 -1.38
CA ILE A 59 -5.56 -5.65 -1.24
C ILE A 59 -6.77 -6.41 -0.67
N ASP A 60 -7.12 -7.51 -1.29
CA ASP A 60 -8.10 -8.43 -0.75
C ASP A 60 -7.70 -9.85 -1.15
N TYR A 61 -6.94 -10.53 -0.30
CA TYR A 61 -6.49 -11.88 -0.51
C TYR A 61 -7.19 -12.82 0.48
N ASN A 62 -7.78 -13.86 -0.09
CA ASN A 62 -8.57 -14.89 0.59
C ASN A 62 -7.96 -16.22 0.31
N ILE A 63 -7.65 -16.95 1.38
CA ILE A 63 -7.03 -18.25 1.28
C ILE A 63 -8.03 -19.23 0.71
N PRO A 64 -7.53 -20.33 0.14
CA PRO A 64 -8.42 -21.34 -0.37
C PRO A 64 -9.02 -22.19 0.70
N CYS A 65 -10.21 -22.65 0.39
CA CYS A 65 -10.86 -23.73 1.08
C CYS A 65 -10.91 -24.91 0.13
N VAL A 66 -10.17 -25.99 0.48
CA VAL A 66 -10.18 -27.24 -0.25
C VAL A 66 -11.34 -28.05 0.29
N SER A 67 -12.42 -27.99 -0.44
CA SER A 67 -13.71 -28.56 -0.03
C SER A 67 -13.93 -29.77 -0.88
N SER A 68 -15.03 -30.45 -0.59
CA SER A 68 -15.39 -31.66 -1.32
C SER A 68 -15.79 -31.32 -2.78
N SER A 69 -16.29 -30.15 -3.10
CA SER A 69 -16.56 -29.85 -4.50
C SER A 69 -15.51 -28.97 -5.22
N GLY A 70 -14.33 -28.81 -4.66
CA GLY A 70 -13.24 -28.14 -5.33
C GLY A 70 -12.58 -27.20 -4.37
N THR A 71 -11.59 -26.49 -4.88
CA THR A 71 -10.84 -25.49 -4.13
C THR A 71 -11.32 -24.09 -4.52
N PHE A 72 -11.71 -23.26 -3.58
CA PHE A 72 -12.27 -21.94 -3.86
C PHE A 72 -11.80 -20.99 -2.79
N PRO A 73 -11.66 -19.72 -3.13
CA PRO A 73 -11.26 -18.81 -2.09
C PRO A 73 -12.37 -18.64 -1.11
N CYS A 74 -12.02 -18.56 0.16
CA CYS A 74 -12.96 -18.33 1.19
C CYS A 74 -12.86 -16.89 1.74
N PRO A 75 -13.92 -16.10 1.61
CA PRO A 75 -13.89 -14.80 2.29
C PRO A 75 -13.85 -15.00 3.80
N GLN A 76 -13.11 -14.13 4.47
CA GLN A 76 -12.76 -14.34 5.85
C GLN A 76 -13.98 -14.36 6.72
N GLU A 77 -14.98 -13.51 6.39
CA GLU A 77 -16.16 -13.44 7.19
C GLU A 77 -16.99 -14.68 6.99
N ASP A 78 -16.72 -15.50 6.00
CA ASP A 78 -17.50 -16.77 5.83
C ASP A 78 -16.81 -18.01 6.43
N SER A 79 -15.63 -17.83 7.00
CA SER A 79 -14.94 -18.95 7.60
C SER A 79 -15.58 -19.18 9.00
N TYR A 80 -15.62 -20.44 9.43
CA TYR A 80 -16.22 -20.80 10.73
C TYR A 80 -15.61 -22.13 11.20
N GLY A 81 -15.75 -22.41 12.48
CA GLY A 81 -15.32 -23.64 13.12
C GLY A 81 -13.84 -23.86 12.94
N ASN A 82 -13.46 -25.11 12.68
CA ASN A 82 -12.05 -25.53 12.53
C ASN A 82 -11.69 -26.45 11.39
N TRP A 83 -11.97 -26.09 10.12
CA TRP A 83 -12.74 -24.89 9.79
C TRP A 83 -13.48 -25.24 8.53
N GLY A 84 -14.54 -24.46 8.26
CA GLY A 84 -15.24 -24.56 7.03
C GLY A 84 -15.50 -23.18 6.49
N CYS A 85 -16.13 -23.14 5.33
CA CYS A 85 -16.45 -21.88 4.70
C CYS A 85 -17.91 -21.95 4.29
N LYS A 86 -18.70 -20.96 4.64
CA LYS A 86 -20.11 -21.02 4.35
C LYS A 86 -20.37 -21.24 2.85
N GLY A 87 -21.25 -22.19 2.61
CA GLY A 87 -21.70 -22.61 1.29
C GLY A 87 -20.78 -23.62 0.66
N MET A 88 -19.71 -23.98 1.37
CA MET A 88 -18.79 -25.02 0.92
C MET A 88 -18.59 -26.20 1.87
N GLY A 89 -18.96 -26.11 3.14
CA GLY A 89 -18.67 -27.14 4.09
C GLY A 89 -17.29 -27.07 4.68
N ALA A 90 -16.81 -28.22 5.19
CA ALA A 90 -15.49 -28.29 5.87
C ALA A 90 -14.38 -28.19 4.88
N CYS A 91 -13.30 -27.55 5.31
CA CYS A 91 -12.15 -27.40 4.44
C CYS A 91 -11.08 -28.33 4.97
N SER A 92 -10.34 -28.97 4.09
CA SER A 92 -9.36 -29.99 4.51
C SER A 92 -7.92 -29.48 4.54
N ASN A 93 -7.71 -28.20 4.21
CA ASN A 93 -6.39 -27.61 4.21
C ASN A 93 -6.13 -26.71 5.42
N SER A 94 -4.86 -26.53 5.77
CA SER A 94 -4.47 -25.73 6.90
C SER A 94 -4.49 -24.23 6.57
N GLN A 95 -4.99 -23.45 7.51
CA GLN A 95 -4.88 -22.02 7.42
C GLN A 95 -3.48 -21.47 7.69
N GLY A 96 -2.60 -22.27 8.27
CA GLY A 96 -1.36 -21.74 8.75
C GLY A 96 -0.19 -22.15 7.91
N ILE A 97 -0.41 -22.62 6.69
CA ILE A 97 0.65 -22.78 5.73
C ILE A 97 0.73 -21.67 4.64
N ALA A 98 1.84 -21.61 3.93
CA ALA A 98 2.00 -20.71 2.81
C ALA A 98 1.18 -21.21 1.60
N TYR A 99 0.66 -20.23 0.87
CA TYR A 99 -0.04 -20.51 -0.35
C TYR A 99 0.53 -19.62 -1.43
N TRP A 100 0.64 -20.17 -2.63
CA TRP A 100 1.21 -19.45 -3.77
C TRP A 100 0.07 -19.06 -4.75
N SER A 101 0.06 -17.81 -5.19
CA SER A 101 -0.89 -17.36 -6.18
C SER A 101 -0.51 -16.01 -6.73
N THR A 102 -1.19 -15.61 -7.80
CA THR A 102 -0.95 -14.34 -8.48
C THR A 102 -1.87 -13.20 -7.98
N ASP A 103 -2.68 -13.45 -6.94
CA ASP A 103 -3.74 -12.52 -6.55
C ASP A 103 -3.21 -11.13 -6.24
N LEU A 104 -1.97 -11.00 -5.82
CA LEU A 104 -1.43 -9.65 -5.63
C LEU A 104 -0.77 -9.18 -6.94
N PHE A 105 -1.52 -8.38 -7.71
CA PHE A 105 -1.04 -7.66 -8.90
C PHE A 105 -0.43 -8.55 -9.93
N GLY A 106 -0.88 -9.78 -10.01
CA GLY A 106 -0.45 -10.69 -11.05
C GLY A 106 0.97 -11.23 -10.82
N PHE A 107 1.60 -10.92 -9.69
CA PHE A 107 2.92 -11.45 -9.44
C PHE A 107 2.80 -12.78 -8.60
N TYR A 108 3.39 -13.88 -9.09
CA TYR A 108 3.35 -15.18 -8.41
C TYR A 108 4.27 -15.17 -7.19
N THR A 109 3.68 -15.27 -6.02
CA THR A 109 4.41 -15.19 -4.77
C THR A 109 3.49 -15.82 -3.69
N THR A 110 3.84 -15.65 -2.45
CA THR A 110 3.11 -16.19 -1.37
C THR A 110 2.35 -15.04 -0.75
N PRO A 111 1.07 -14.83 -1.10
CA PRO A 111 0.37 -13.67 -0.53
C PRO A 111 0.01 -13.82 0.92
N THR A 112 0.09 -15.06 1.45
CA THR A 112 -0.02 -15.33 2.89
C THR A 112 1.05 -14.70 3.78
N ASN A 113 2.22 -14.40 3.23
CA ASN A 113 3.37 -13.93 3.95
C ASN A 113 4.32 -13.16 3.04
N VAL A 114 4.19 -11.81 3.05
CA VAL A 114 4.88 -10.93 2.12
C VAL A 114 4.74 -9.50 2.65
N THR A 115 5.70 -8.65 2.29
CA THR A 115 5.67 -7.26 2.53
C THR A 115 5.76 -6.60 1.14
N LEU A 116 4.79 -5.73 0.87
CA LEU A 116 4.70 -4.97 -0.41
C LEU A 116 5.05 -3.53 -0.11
N GLU A 117 5.80 -2.95 -1.02
CA GLU A 117 6.08 -1.49 -1.06
C GLU A 117 5.49 -0.87 -2.31
N MET A 118 4.56 0.05 -2.11
CA MET A 118 3.91 0.69 -3.24
C MET A 118 4.38 2.15 -3.23
N THR A 119 4.93 2.58 -4.36
CA THR A 119 5.35 3.99 -4.49
C THR A 119 4.79 4.62 -5.74
N GLY A 120 4.49 5.91 -5.66
CA GLY A 120 4.09 6.68 -6.78
C GLY A 120 3.95 8.12 -6.32
N TYR A 121 3.47 8.94 -7.22
CA TYR A 121 3.11 10.30 -6.95
C TYR A 121 1.61 10.52 -7.11
N PHE A 122 1.02 11.19 -6.15
CA PHE A 122 -0.41 11.52 -6.17
C PHE A 122 -0.55 12.91 -6.73
N LEU A 123 -1.37 13.04 -7.75
CA LEU A 123 -1.61 14.30 -8.42
C LEU A 123 -3.01 14.81 -7.98
N PRO A 124 -3.05 15.82 -7.11
CA PRO A 124 -4.34 16.30 -6.67
C PRO A 124 -4.97 17.15 -7.74
N PRO A 125 -6.25 16.92 -8.06
CA PRO A 125 -6.92 17.84 -8.99
C PRO A 125 -7.49 19.08 -8.29
N GLN A 126 -7.51 19.15 -6.96
CA GLN A 126 -8.13 20.28 -6.26
C GLN A 126 -7.24 20.61 -5.11
N THR A 127 -7.20 21.90 -4.77
CA THR A 127 -6.46 22.37 -3.63
C THR A 127 -7.38 22.24 -2.43
N GLY A 128 -6.85 21.59 -1.41
CA GLY A 128 -7.54 21.51 -0.14
C GLY A 128 -7.17 20.24 0.59
N SER A 129 -7.93 19.89 1.58
CA SER A 129 -7.52 18.77 2.40
C SER A 129 -8.15 17.45 1.96
N TYR A 130 -7.28 16.46 1.86
CA TYR A 130 -7.60 15.13 1.36
C TYR A 130 -7.53 14.25 2.58
N THR A 131 -8.52 13.37 2.72
CA THR A 131 -8.56 12.36 3.80
C THR A 131 -8.34 10.98 3.20
N PHE A 132 -7.18 10.42 3.46
CA PHE A 132 -6.89 9.06 3.09
C PHE A 132 -7.39 8.11 4.16
N LYS A 133 -7.72 6.91 3.72
CA LYS A 133 -8.32 5.97 4.60
C LYS A 133 -7.97 4.47 4.32
N PHE A 134 -7.78 3.70 5.38
CA PHE A 134 -7.75 2.23 5.31
C PHE A 134 -9.00 1.83 6.05
N ALA A 135 -9.87 1.13 5.36
CA ALA A 135 -11.10 0.67 5.96
C ALA A 135 -10.85 -0.29 7.12
N THR A 136 -9.82 -1.11 6.97
CA THR A 136 -9.33 -1.96 8.01
C THR A 136 -7.93 -2.41 7.47
N VAL A 137 -7.23 -3.19 8.30
CA VAL A 137 -5.99 -3.75 7.88
C VAL A 137 -5.76 -5.17 8.44
N ASP A 138 -5.27 -6.08 7.58
CA ASP A 138 -4.78 -7.39 7.96
C ASP A 138 -3.51 -7.70 7.11
N ASP A 139 -2.30 -7.66 7.66
CA ASP A 139 -1.96 -7.48 9.08
C ASP A 139 -1.47 -6.11 9.53
N SER A 140 -0.73 -5.41 8.68
CA SER A 140 -0.25 -4.05 9.02
C SER A 140 0.05 -3.28 7.76
N ALA A 141 -0.04 -1.94 7.85
CA ALA A 141 0.20 -1.07 6.74
C ALA A 141 0.46 0.33 7.24
N ILE A 142 1.30 1.06 6.52
CA ILE A 142 1.47 2.48 6.68
C ILE A 142 1.24 3.18 5.35
N LEU A 143 0.85 4.45 5.41
CA LEU A 143 0.82 5.34 4.25
C LEU A 143 1.58 6.61 4.64
N SER A 144 2.49 7.07 3.79
CA SER A 144 3.22 8.29 3.98
C SER A 144 3.02 9.06 2.72
N VAL A 145 2.93 10.36 2.87
CA VAL A 145 2.76 11.26 1.75
C VAL A 145 3.73 12.46 1.94
N GLY A 146 4.47 12.85 0.93
CA GLY A 146 5.36 14.02 1.03
C GLY A 146 6.80 13.75 0.71
N GLY A 147 7.48 14.71 0.07
CA GLY A 147 8.89 14.59 -0.29
C GLY A 147 9.85 14.37 0.88
N ALA A 148 9.44 14.71 2.09
CA ALA A 148 10.30 14.46 3.20
C ALA A 148 10.02 13.12 3.89
N THR A 149 8.89 12.47 3.59
CA THR A 149 8.41 11.39 4.44
C THR A 149 8.12 10.14 3.62
N ALA A 150 7.66 10.23 2.37
CA ALA A 150 7.42 9.04 1.56
C ALA A 150 8.69 8.58 0.85
N PHE A 151 9.14 9.39 -0.11
CA PHE A 151 10.45 9.30 -0.72
C PHE A 151 10.81 10.71 -1.25
N ASN A 152 12.07 10.92 -1.64
CA ASN A 152 12.48 12.17 -2.29
C ASN A 152 12.04 12.39 -3.73
N CYS A 153 11.77 13.67 -4.06
CA CYS A 153 11.37 14.06 -5.39
C CYS A 153 12.37 13.51 -6.39
N CYS A 154 11.88 12.96 -7.48
CA CYS A 154 12.68 12.50 -8.63
C CYS A 154 13.53 11.30 -8.31
N ALA A 155 13.20 10.62 -7.22
CA ALA A 155 14.03 9.57 -6.67
C ALA A 155 13.17 8.44 -6.09
N GLN A 156 12.06 8.19 -6.80
CA GLN A 156 11.04 7.17 -6.47
C GLN A 156 11.60 5.72 -6.19
N GLN A 157 12.61 5.37 -6.96
CA GLN A 157 13.20 4.03 -7.02
C GLN A 157 14.46 3.90 -6.19
N GLN A 158 14.77 4.89 -5.36
CA GLN A 158 15.93 4.83 -4.48
C GLN A 158 15.61 4.01 -3.25
N PRO A 159 16.65 3.63 -2.50
CA PRO A 159 16.33 2.95 -1.26
C PRO A 159 15.45 3.80 -0.33
N PRO A 160 14.70 3.16 0.58
CA PRO A 160 13.75 3.90 1.41
C PRO A 160 14.35 4.97 2.28
N ILE A 161 13.66 6.09 2.45
CA ILE A 161 14.06 7.06 3.45
C ILE A 161 13.64 6.63 4.86
N THR A 162 14.22 7.28 5.83
CA THR A 162 14.26 6.72 7.12
C THR A 162 13.24 7.40 8.06
N SER A 163 12.11 7.86 7.54
CA SER A 163 11.15 8.62 8.35
C SER A 163 10.02 7.74 8.82
N THR A 164 9.67 7.83 10.10
CA THR A 164 8.53 7.10 10.67
C THR A 164 7.36 8.04 10.93
N ASN A 165 7.35 9.18 10.29
CA ASN A 165 6.23 10.08 10.41
C ASN A 165 5.09 9.73 9.35
N PHE A 166 4.29 8.71 9.70
CA PHE A 166 3.29 8.15 8.81
C PHE A 166 2.08 9.05 8.75
N THR A 167 1.45 9.14 7.60
CA THR A 167 0.14 9.82 7.50
C THR A 167 -0.97 8.91 8.13
N ILE A 168 -0.87 7.60 7.92
CA ILE A 168 -1.77 6.64 8.56
C ILE A 168 -0.88 5.43 8.90
N ASP A 169 -1.12 4.78 10.04
CA ASP A 169 -0.52 3.47 10.28
C ASP A 169 -1.52 2.64 10.99
N GLY A 170 -1.60 1.37 10.60
CA GLY A 170 -2.55 0.48 11.18
C GLY A 170 -1.97 -0.91 11.41
N ILE A 171 -2.35 -1.54 12.53
CA ILE A 171 -1.90 -2.88 12.94
C ILE A 171 -3.14 -3.68 13.43
N LYS A 172 -3.35 -4.87 12.88
CA LYS A 172 -4.29 -5.84 13.45
C LYS A 172 -3.55 -6.53 14.62
N PRO A 173 -4.10 -6.43 15.86
CA PRO A 173 -3.37 -7.14 16.97
C PRO A 173 -3.42 -8.64 16.67
N TRP A 174 -2.40 -9.37 17.09
CA TRP A 174 -2.25 -10.75 16.68
C TRP A 174 -3.35 -11.59 17.26
N GLY A 175 -4.19 -12.13 16.40
CA GLY A 175 -5.29 -12.95 16.78
C GLY A 175 -6.57 -12.18 17.06
N GLY A 176 -6.43 -10.87 17.09
CA GLY A 176 -7.51 -9.93 17.32
C GLY A 176 -8.42 -9.75 16.13
N SER A 177 -9.55 -9.12 16.35
CA SER A 177 -10.44 -8.80 15.26
C SER A 177 -9.89 -7.67 14.39
N LEU A 178 -10.42 -7.54 13.20
CA LEU A 178 -9.98 -6.53 12.29
C LEU A 178 -10.19 -5.15 12.88
N PRO A 179 -9.15 -4.24 12.66
CA PRO A 179 -9.40 -2.90 13.22
C PRO A 179 -10.43 -2.07 12.49
N PRO A 180 -10.96 -1.02 13.11
CA PRO A 180 -11.93 -0.13 12.47
C PRO A 180 -11.19 0.85 11.52
N ASN A 181 -11.91 1.75 10.87
CA ASN A 181 -11.33 2.68 9.90
C ASN A 181 -10.22 3.41 10.48
N ILE A 182 -9.25 3.73 9.65
CA ILE A 182 -8.16 4.61 10.04
C ILE A 182 -8.02 5.66 8.96
N GLU A 183 -7.97 6.92 9.35
CA GLU A 183 -7.93 8.06 8.44
C GLU A 183 -6.77 8.99 8.77
N GLY A 184 -6.31 9.72 7.77
CA GLY A 184 -5.28 10.72 7.93
C GLY A 184 -5.55 11.79 6.86
N THR A 185 -5.33 13.03 7.21
CA THR A 185 -5.62 14.20 6.36
C THR A 185 -4.31 14.86 5.94
N VAL A 186 -4.20 15.25 4.68
CA VAL A 186 -3.06 16.02 4.15
C VAL A 186 -3.65 17.20 3.33
N TYR A 187 -3.19 18.43 3.54
CA TYR A 187 -3.49 19.56 2.69
C TYR A 187 -2.60 19.57 1.45
N MET A 188 -3.20 19.56 0.27
CA MET A 188 -2.44 19.46 -0.99
C MET A 188 -2.88 20.55 -1.94
N TYR A 189 -1.94 21.00 -2.76
CA TYR A 189 -2.17 21.97 -3.79
C TYR A 189 -2.26 21.34 -5.17
N ALA A 190 -3.26 21.75 -5.93
CA ALA A 190 -3.55 21.16 -7.21
C ALA A 190 -2.39 21.26 -8.15
N GLY A 191 -2.16 20.20 -8.93
CA GLY A 191 -1.12 20.22 -9.95
C GLY A 191 0.30 19.97 -9.48
N TYR A 192 0.52 19.66 -8.21
CA TYR A 192 1.87 19.26 -7.76
C TYR A 192 1.86 17.75 -7.59
N TYR A 193 2.98 17.08 -7.82
CA TYR A 193 3.04 15.62 -7.64
C TYR A 193 3.56 15.32 -6.22
N TYR A 194 2.76 14.66 -5.42
CA TYR A 194 3.14 14.36 -4.08
C TYR A 194 3.55 12.92 -3.96
N PRO A 195 4.77 12.71 -3.51
CA PRO A 195 5.21 11.36 -3.25
C PRO A 195 4.33 10.61 -2.22
N MET A 196 4.10 9.37 -2.54
CA MET A 196 3.17 8.51 -1.78
C MET A 196 3.81 7.15 -1.64
N LYS A 197 3.80 6.63 -0.44
CA LYS A 197 4.29 5.29 -0.19
C LYS A 197 3.33 4.55 0.69
N VAL A 198 2.95 3.35 0.27
CA VAL A 198 2.20 2.41 1.11
C VAL A 198 3.11 1.22 1.30
N VAL A 199 3.26 0.79 2.54
CA VAL A 199 3.95 -0.46 2.85
C VAL A 199 2.94 -1.36 3.60
N TYR A 200 2.75 -2.57 3.11
CA TYR A 200 1.73 -3.50 3.58
C TYR A 200 2.40 -4.83 3.91
N SER A 201 2.07 -5.44 5.03
CA SER A 201 2.48 -6.78 5.38
C SER A 201 1.31 -7.72 5.68
N ASN A 202 1.43 -8.92 5.17
CA ASN A 202 0.64 -10.06 5.56
C ASN A 202 1.56 -11.11 6.22
N ALA A 203 1.21 -11.54 7.40
CA ALA A 203 2.02 -12.47 8.14
C ALA A 203 1.52 -13.91 8.06
N VAL A 204 0.22 -14.09 7.91
CA VAL A 204 -0.40 -15.39 7.72
C VAL A 204 -1.78 -15.28 7.08
N SER A 205 -2.17 -16.27 6.29
CA SER A 205 -3.56 -16.40 5.81
C SER A 205 -4.14 -15.13 5.16
N TRP A 206 -5.28 -14.63 5.57
CA TRP A 206 -5.94 -13.51 4.88
C TRP A 206 -5.14 -12.19 4.84
N GLY A 207 -5.26 -11.46 3.73
CA GLY A 207 -4.69 -10.14 3.61
C GLY A 207 -5.76 -9.15 3.16
N THR A 208 -5.86 -8.01 3.85
CA THR A 208 -6.88 -7.04 3.52
C THR A 208 -6.36 -5.67 3.71
N LEU A 209 -6.57 -4.81 2.72
CA LEU A 209 -6.20 -3.35 2.85
C LEU A 209 -7.02 -2.59 1.83
N PRO A 210 -8.24 -2.17 2.22
CA PRO A 210 -9.13 -1.39 1.38
C PRO A 210 -8.72 0.09 1.49
N ILE A 211 -8.27 0.64 0.38
CA ILE A 211 -7.71 1.99 0.43
C ILE A 211 -8.66 2.95 -0.28
N SER A 212 -8.91 4.10 0.33
CA SER A 212 -9.62 5.15 -0.33
C SER A 212 -9.15 6.53 0.07
N VAL A 213 -9.61 7.51 -0.70
CA VAL A 213 -9.34 8.93 -0.42
C VAL A 213 -10.61 9.75 -0.68
N THR A 214 -10.87 10.67 0.21
CA THR A 214 -11.89 11.66 0.03
C THR A 214 -11.27 13.05 -0.32
N LEU A 215 -11.68 13.55 -1.47
CA LEU A 215 -11.22 14.77 -2.07
C LEU A 215 -11.83 15.95 -1.35
N PRO A 216 -11.26 17.15 -1.51
CA PRO A 216 -11.76 18.32 -0.79
C PRO A 216 -13.21 18.65 -1.14
N ASP A 217 -13.70 18.24 -2.31
CA ASP A 217 -15.11 18.43 -2.64
C ASP A 217 -16.04 17.36 -2.07
N GLY A 218 -15.49 16.41 -1.33
CA GLY A 218 -16.25 15.28 -0.80
C GLY A 218 -16.38 14.06 -1.69
N THR A 219 -15.77 14.07 -2.87
CA THR A 219 -15.74 12.88 -3.72
C THR A 219 -14.88 11.82 -3.04
N THR A 220 -15.32 10.57 -3.13
CA THR A 220 -14.54 9.48 -2.57
C THR A 220 -14.05 8.58 -3.69
N VAL A 221 -12.75 8.35 -3.73
CA VAL A 221 -12.17 7.42 -4.71
C VAL A 221 -11.68 6.22 -3.94
N SER A 222 -12.17 5.05 -4.32
CA SER A 222 -11.93 3.80 -3.61
C SER A 222 -11.26 2.79 -4.50
N ASP A 223 -10.20 2.17 -4.00
CA ASP A 223 -9.55 1.05 -4.66
C ASP A 223 -8.76 1.40 -5.92
N ASP A 224 -9.43 1.96 -6.93
CA ASP A 224 -8.74 2.24 -8.18
C ASP A 224 -8.42 3.72 -8.29
N PHE A 225 -7.10 4.00 -8.38
CA PHE A 225 -6.64 5.37 -8.36
C PHE A 225 -6.21 5.87 -9.74
N GLU A 226 -6.73 5.27 -10.78
CA GLU A 226 -6.42 5.69 -12.14
C GLU A 226 -6.74 7.15 -12.31
N GLY A 227 -5.80 7.88 -12.86
CA GLY A 227 -5.96 9.32 -12.99
C GLY A 227 -5.39 10.11 -11.83
N TYR A 228 -5.02 9.48 -10.73
CA TYR A 228 -4.50 10.20 -9.56
C TYR A 228 -3.08 9.84 -9.21
N VAL A 229 -2.61 8.66 -9.62
CA VAL A 229 -1.28 8.16 -9.23
C VAL A 229 -0.44 7.85 -10.47
N TYR A 230 0.83 8.22 -10.38
CA TYR A 230 1.77 8.22 -11.52
C TYR A 230 3.17 7.86 -11.01
N SER A 231 3.99 7.28 -11.90
CA SER A 231 5.35 6.94 -11.61
C SER A 231 6.23 7.69 -12.60
N PHE A 232 7.42 8.04 -12.19
CA PHE A 232 8.42 8.58 -13.06
C PHE A 232 9.70 7.85 -12.73
N ASP A 233 10.49 7.55 -13.78
CA ASP A 233 11.87 7.05 -13.55
C ASP A 233 12.72 8.11 -12.88
N ASP A 234 13.59 7.68 -11.96
CA ASP A 234 14.46 8.57 -11.24
C ASP A 234 15.26 9.43 -12.19
N ASP A 235 15.46 10.67 -11.80
CA ASP A 235 16.31 11.56 -12.53
C ASP A 235 16.86 12.48 -11.45
N LEU A 236 17.95 12.03 -10.86
CA LEU A 236 18.60 12.74 -9.82
C LEU A 236 19.28 14.05 -10.31
N SER A 237 19.43 14.23 -11.59
CA SER A 237 20.03 15.43 -12.15
C SER A 237 19.05 16.57 -12.42
N GLN A 238 17.77 16.35 -12.18
CA GLN A 238 16.82 17.40 -12.48
C GLN A 238 16.82 18.35 -11.34
N SER A 239 17.30 19.55 -11.64
CA SER A 239 17.56 20.53 -10.65
C SER A 239 16.36 21.04 -9.86
N ASN A 240 15.27 21.33 -10.52
CA ASN A 240 14.14 21.95 -9.88
C ASN A 240 13.00 21.00 -9.53
N CYS A 241 13.29 19.76 -9.29
CA CYS A 241 12.30 18.71 -8.98
C CYS A 241 11.51 18.93 -7.68
N THR A 242 12.15 19.47 -6.67
CA THR A 242 11.55 19.56 -5.33
C THR A 242 10.85 20.88 -5.10
N VAL A 243 9.68 20.86 -4.50
CA VAL A 243 8.94 22.07 -4.17
C VAL A 243 8.62 22.03 -2.67
N PRO A 244 9.46 22.68 -1.86
CA PRO A 244 9.36 22.54 -0.41
C PRO A 244 8.00 23.05 0.07
N ASP A 245 7.52 24.14 -0.50
CA ASP A 245 6.26 24.74 -0.10
C ASP A 245 5.55 25.22 -1.33
N PRO A 246 4.58 24.43 -1.72
CA PRO A 246 3.79 24.74 -2.92
C PRO A 246 2.96 26.01 -2.77
N SER A 247 2.60 26.39 -1.55
CA SER A 247 1.86 27.65 -1.41
C SER A 247 2.71 28.90 -1.66
N ASN A 248 4.03 28.84 -1.43
CA ASN A 248 4.94 29.92 -1.81
C ASN A 248 5.90 29.58 -2.89
N TYR A 249 5.50 28.78 -3.85
CA TYR A 249 6.43 28.36 -4.83
C TYR A 249 6.42 29.41 -5.90
N LEU A 250 7.60 29.91 -6.26
CA LEU A 250 7.69 30.87 -7.37
C LEU A 250 7.48 30.07 -8.59
N GLU A 251 6.31 30.25 -9.20
CA GLU A 251 6.09 29.57 -10.43
C GLU A 251 6.72 30.42 -11.47
N VAL A 252 7.36 29.71 -12.40
CA VAL A 252 7.96 30.23 -13.64
C VAL A 252 7.44 29.41 -14.89
N LEU A 253 6.77 30.10 -15.80
CA LEU A 253 6.24 29.46 -17.00
C LEU A 253 6.98 29.93 -18.25
C1 MAN B . -6.36 -14.51 11.92
C2 MAN B . -6.57 -13.93 10.52
C3 MAN B . -5.23 -13.63 9.85
C4 MAN B . -4.31 -12.84 10.78
C5 MAN B . -4.24 -13.49 12.15
C6 MAN B . -3.38 -12.65 13.10
O1 MAN B . -5.69 -15.78 11.81
O2 MAN B . -7.33 -12.73 10.61
O3 MAN B . -5.46 -12.89 8.64
O4 MAN B . -3.00 -12.77 10.21
O5 MAN B . -5.56 -13.62 12.68
O6 MAN B . -4.09 -11.47 13.46
CA CA C . -3.17 -12.00 7.71
#